data_5ZUV
#
_entry.id   5ZUV
#
_cell.length_a   95.515
_cell.length_b   45.548
_cell.length_c   94.737
_cell.angle_alpha   90.00
_cell.angle_beta   96.33
_cell.angle_gamma   90.00
#
_symmetry.space_group_name_H-M   'C 1 2 1'
#
loop_
_entity.id
_entity.type
_entity.pdbx_description
1 polymer 'Spike glycoprotein,Spike glycoprotein,inhibitor EK1'
2 non-polymer 'CHLORIDE ION'
3 water water
#
_entity_poly.entity_id   1
_entity_poly.type   'polypeptide(L)'
_entity_poly.pdbx_seq_one_letter_code
;SDVLQENQKILAASFNKAMTNIVDAFTGVNDAITQTSQALQTVATALNKIQDVVNQQGNSLNHLTSQLRQNFQAISSSIQ
AIYDRLDTIQSGGRGGSLDQINVTFLDLEYEMKKLEEAIKKLEESYIDLKELG
;
_entity_poly.pdbx_strand_id   A,B,C
#
# COMPACT_ATOMS: atom_id res chain seq x y z
N LEU A 4 -3.08 50.97 37.58
CA LEU A 4 -3.20 49.48 37.68
C LEU A 4 -4.38 48.94 36.88
N GLN A 5 -5.45 49.73 36.82
CA GLN A 5 -6.65 49.42 36.04
C GLN A 5 -6.30 49.18 34.57
N GLU A 6 -5.47 50.08 34.03
CA GLU A 6 -4.97 50.00 32.66
C GLU A 6 -4.24 48.68 32.39
N ASN A 7 -3.36 48.30 33.32
CA ASN A 7 -2.60 47.03 33.28
C ASN A 7 -3.47 45.79 33.18
N GLN A 8 -4.63 45.82 33.85
CA GLN A 8 -5.57 44.71 33.83
C GLN A 8 -6.30 44.64 32.50
N LYS A 9 -6.63 45.81 31.94
CA LYS A 9 -7.22 45.93 30.59
C LYS A 9 -6.29 45.33 29.53
N ILE A 10 -4.98 45.54 29.70
CA ILE A 10 -3.94 45.07 28.78
C ILE A 10 -3.81 43.55 28.82
N LEU A 11 -3.75 42.98 30.02
CA LEU A 11 -3.66 41.53 30.19
C LEU A 11 -4.91 40.85 29.64
N ALA A 12 -6.08 41.47 29.87
CA ALA A 12 -7.35 40.96 29.37
C ALA A 12 -7.38 41.01 27.85
N ALA A 13 -6.86 42.09 27.28
CA ALA A 13 -6.70 42.24 25.82
C ALA A 13 -5.78 41.15 25.25
N SER A 14 -4.67 40.88 25.93
CA SER A 14 -3.73 39.84 25.50
C SER A 14 -4.36 38.46 25.52
N PHE A 15 -5.05 38.15 26.61
CA PHE A 15 -5.69 36.85 26.78
C PHE A 15 -6.75 36.59 25.70
N ASN A 16 -7.57 37.59 25.42
CA ASN A 16 -8.64 37.44 24.45
C ASN A 16 -8.12 37.31 23.02
N LYS A 17 -7.07 38.07 22.69
CA LYS A 17 -6.42 37.97 21.39
C LYS A 17 -5.76 36.58 21.20
N ALA A 18 -5.05 36.12 22.24
CA ALA A 18 -4.39 34.82 22.22
C ALA A 18 -5.41 33.68 21.99
N MET A 19 -6.54 33.72 22.70
CA MET A 19 -7.60 32.70 22.51
C MET A 19 -8.11 32.62 21.07
N THR A 20 -8.33 33.77 20.44
CA THR A 20 -8.79 33.78 19.06
C THR A 20 -7.78 33.11 18.16
N ASN A 21 -6.50 33.41 18.33
CA ASN A 21 -5.44 32.72 17.60
C ASN A 21 -5.32 31.23 17.90
N ILE A 22 -5.48 30.86 19.17
CA ILE A 22 -5.41 29.45 19.61
C ILE A 22 -6.58 28.62 19.01
N VAL A 23 -7.77 29.21 18.99
CA VAL A 23 -8.94 28.64 18.29
C VAL A 23 -8.64 28.46 16.80
N ASP A 24 -8.05 29.46 16.16
CA ASP A 24 -7.65 29.35 14.74
C ASP A 24 -6.66 28.20 14.53
N ALA A 25 -5.67 28.12 15.41
CA ALA A 25 -4.70 27.03 15.37
C ALA A 25 -5.36 25.64 15.49
N PHE A 26 -6.26 25.49 16.45
CA PHE A 26 -6.95 24.21 16.64
C PHE A 26 -7.93 23.85 15.52
N THR A 27 -8.47 24.88 14.85
CA THR A 27 -9.29 24.70 13.64
C THR A 27 -8.46 24.05 12.55
N GLY A 28 -7.23 24.56 12.37
CA GLY A 28 -6.25 23.96 11.46
C GLY A 28 -6.00 22.49 11.80
N VAL A 29 -5.82 22.21 13.09
CA VAL A 29 -5.53 20.86 13.58
C VAL A 29 -6.68 19.93 13.18
N ASN A 30 -7.93 20.37 13.38
CA ASN A 30 -9.09 19.57 12.96
C ASN A 30 -9.10 19.29 11.46
N ASP A 31 -8.73 20.30 10.67
CA ASP A 31 -8.60 20.08 9.22
C ASP A 31 -7.55 19.01 8.89
N ALA A 32 -6.44 19.03 9.65
CA ALA A 32 -5.34 18.08 9.46
C ALA A 32 -5.80 16.65 9.76
N ILE A 33 -6.51 16.47 10.87
CA ILE A 33 -7.08 15.19 11.25
C ILE A 33 -8.02 14.67 10.15
N THR A 34 -8.91 15.53 9.66
CA THR A 34 -9.87 15.17 8.59
C THR A 34 -9.14 14.70 7.34
N GLN A 35 -8.12 15.46 6.94
CA GLN A 35 -7.38 15.19 5.71
C GLN A 35 -6.50 13.97 5.83
N THR A 36 -5.92 13.77 7.02
CA THR A 36 -5.12 12.58 7.31
C THR A 36 -6.04 11.35 7.22
N SER A 37 -7.20 11.43 7.89
CA SER A 37 -8.21 10.37 7.83
C SER A 37 -8.61 10.02 6.38
N GLN A 38 -9.02 11.02 5.58
CA GLN A 38 -9.33 10.83 4.17
C GLN A 38 -8.21 10.13 3.38
N ALA A 39 -6.99 10.62 3.57
CA ALA A 39 -5.80 10.04 2.95
C ALA A 39 -5.66 8.56 3.31
N LEU A 40 -5.80 8.24 4.59
CA LEU A 40 -5.65 6.87 5.06
C LEU A 40 -6.74 5.95 4.54
N GLN A 41 -7.96 6.50 4.42
CA GLN A 41 -9.09 5.75 3.84
C GLN A 41 -8.85 5.45 2.35
N THR A 42 -8.23 6.39 1.64
CA THR A 42 -7.89 6.19 0.24
C THR A 42 -6.81 5.10 0.10
N VAL A 43 -5.77 5.19 0.95
CA VAL A 43 -4.77 4.13 0.99
C VAL A 43 -5.43 2.74 1.25
N ALA A 44 -6.31 2.65 2.24
CA ALA A 44 -7.07 1.38 2.49
C ALA A 44 -7.69 0.80 1.22
N THR A 45 -8.43 1.65 0.51
CA THR A 45 -9.04 1.28 -0.78
C THR A 45 -8.03 0.72 -1.78
N ALA A 46 -6.91 1.44 -1.97
CA ALA A 46 -5.82 1.01 -2.83
C ALA A 46 -5.30 -0.37 -2.42
N LEU A 47 -5.13 -0.59 -1.11
CA LEU A 47 -4.64 -1.87 -0.60
C LEU A 47 -5.61 -3.03 -0.90
N ASN A 48 -6.92 -2.78 -0.74
CA ASN A 48 -7.97 -3.78 -1.09
C ASN A 48 -7.94 -4.13 -2.56
N LYS A 49 -7.81 -3.10 -3.42
CA LYS A 49 -7.75 -3.27 -4.86
C LYS A 49 -6.50 -4.07 -5.25
N ILE A 50 -5.36 -3.78 -4.61
CA ILE A 50 -4.13 -4.54 -4.86
C ILE A 50 -4.35 -6.05 -4.53
N GLN A 51 -4.81 -6.35 -3.32
CA GLN A 51 -5.13 -7.75 -2.94
C GLN A 51 -6.02 -8.47 -3.98
N ASP A 52 -7.08 -7.80 -4.43
CA ASP A 52 -8.02 -8.34 -5.41
C ASP A 52 -7.31 -8.80 -6.69
N VAL A 53 -6.50 -7.91 -7.25
CA VAL A 53 -5.80 -8.18 -8.50
C VAL A 53 -4.69 -9.23 -8.27
N VAL A 54 -3.92 -9.07 -7.20
CA VAL A 54 -2.87 -10.02 -6.86
C VAL A 54 -3.48 -11.43 -6.66
N ASN A 55 -4.59 -11.53 -5.94
CA ASN A 55 -5.21 -12.84 -5.72
C ASN A 55 -5.83 -13.43 -6.98
N GLN A 56 -6.40 -12.56 -7.81
CA GLN A 56 -6.86 -12.96 -9.14
C GLN A 56 -5.74 -13.57 -9.99
N GLN A 57 -4.59 -12.87 -10.04
CA GLN A 57 -3.42 -13.33 -10.78
C GLN A 57 -2.89 -14.67 -10.30
N GLY A 58 -2.93 -14.88 -8.98
CA GLY A 58 -2.59 -16.16 -8.38
C GLY A 58 -3.53 -17.28 -8.76
N ASN A 59 -4.85 -17.00 -8.72
CA ASN A 59 -5.87 -17.95 -9.19
C ASN A 59 -5.72 -18.29 -10.69
N SER A 60 -5.47 -17.29 -11.53
CA SER A 60 -5.19 -17.55 -12.96
C SER A 60 -3.98 -18.48 -13.16
N LEU A 61 -2.91 -18.19 -12.42
CA LEU A 61 -1.69 -18.99 -12.48
C LEU A 61 -1.94 -20.45 -12.09
N ASN A 62 -2.68 -20.64 -11.00
CA ASN A 62 -3.04 -21.99 -10.50
C ASN A 62 -3.90 -22.77 -11.49
N HIS A 63 -4.92 -22.11 -12.02
CA HIS A 63 -5.83 -22.71 -12.99
C HIS A 63 -5.09 -23.09 -14.30
N LEU A 64 -4.28 -22.15 -14.81
CA LEU A 64 -3.42 -22.41 -15.96
C LEU A 64 -2.49 -23.61 -15.76
N THR A 65 -1.79 -23.65 -14.62
CA THR A 65 -0.89 -24.77 -14.29
C THR A 65 -1.64 -26.12 -14.27
N SER A 66 -2.81 -26.12 -13.64
CA SER A 66 -3.67 -27.31 -13.62
C SER A 66 -4.03 -27.79 -15.02
N GLN A 67 -4.40 -26.85 -15.91
CA GLN A 67 -4.77 -27.19 -17.29
C GLN A 67 -3.57 -27.68 -18.06
N LEU A 68 -2.44 -27.00 -17.88
CA LEU A 68 -1.18 -27.37 -18.52
C LEU A 68 -0.78 -28.80 -18.17
N ARG A 69 -0.86 -29.15 -16.88
CA ARG A 69 -0.57 -30.51 -16.39
C ARG A 69 -1.42 -31.59 -17.11
N GLN A 70 -2.71 -31.29 -17.30
CA GLN A 70 -3.63 -32.17 -18.03
C GLN A 70 -3.27 -32.28 -19.51
N ASN A 71 -2.97 -31.14 -20.14
CA ASN A 71 -2.52 -31.10 -21.54
C ASN A 71 -1.29 -31.97 -21.78
N PHE A 72 -0.25 -31.77 -20.97
CA PHE A 72 0.99 -32.55 -21.13
C PHE A 72 0.78 -34.03 -20.88
N GLN A 73 -0.05 -34.37 -19.89
CA GLN A 73 -0.42 -35.75 -19.63
C GLN A 73 -1.12 -36.41 -20.84
N ALA A 74 -2.12 -35.75 -21.40
CA ALA A 74 -2.79 -36.21 -22.63
C ALA A 74 -1.83 -36.34 -23.82
N ILE A 75 -0.96 -35.35 -24.01
CA ILE A 75 -0.01 -35.35 -25.10
C ILE A 75 0.99 -36.51 -24.95
N SER A 76 1.55 -36.64 -23.75
CA SER A 76 2.50 -37.71 -23.44
C SER A 76 1.91 -39.10 -23.67
N SER A 77 0.70 -39.32 -23.16
CA SER A 77 -0.09 -40.56 -23.39
C SER A 77 -0.18 -40.89 -24.89
N SER A 78 -0.61 -39.90 -25.67
CA SER A 78 -0.69 -40.02 -27.12
C SER A 78 0.67 -40.36 -27.78
N ILE A 79 1.72 -39.65 -27.38
CA ILE A 79 3.07 -39.86 -27.96
C ILE A 79 3.57 -41.26 -27.66
N GLN A 80 3.49 -41.68 -26.40
CA GLN A 80 3.92 -43.02 -26.02
C GLN A 80 3.20 -44.12 -26.82
N ALA A 81 1.90 -43.96 -27.00
CA ALA A 81 1.09 -44.92 -27.77
C ALA A 81 1.55 -44.98 -29.24
N ILE A 82 1.94 -43.82 -29.78
CA ILE A 82 2.51 -43.77 -31.12
C ILE A 82 3.86 -44.53 -31.15
N TYR A 83 4.73 -44.25 -30.19
CA TYR A 83 6.03 -44.94 -30.04
C TYR A 83 5.89 -46.46 -29.93
N ASP A 84 4.91 -46.91 -29.13
CA ASP A 84 4.59 -48.33 -28.96
C ASP A 84 4.26 -48.98 -30.29
N ARG A 85 3.56 -48.24 -31.15
CA ARG A 85 3.18 -48.67 -32.49
C ARG A 85 4.38 -48.74 -33.44
N LEU A 86 5.39 -47.89 -33.23
CA LEU A 86 6.52 -47.78 -34.17
C LEU A 86 7.71 -48.73 -33.92
N ASP A 87 7.66 -49.48 -32.82
CA ASP A 87 8.71 -50.46 -32.47
C ASP A 87 10.10 -49.80 -32.45
N THR A 88 10.28 -48.90 -31.49
CA THR A 88 11.48 -48.11 -31.39
C THR A 88 12.08 -48.25 -29.99
N ILE A 89 13.40 -48.11 -29.88
CA ILE A 89 14.11 -48.12 -28.59
C ILE A 89 14.12 -46.72 -27.95
N GLN A 90 13.75 -45.74 -28.76
CA GLN A 90 13.73 -44.33 -28.32
C GLN A 90 12.59 -44.13 -27.34
N SER A 91 12.80 -43.23 -26.37
CA SER A 91 11.81 -42.96 -25.35
C SER A 91 10.71 -42.05 -25.89
N GLY A 92 9.45 -42.48 -25.76
CA GLY A 92 8.30 -41.64 -26.03
C GLY A 92 7.56 -41.10 -24.80
N GLY A 93 8.23 -41.04 -23.65
CA GLY A 93 7.58 -40.64 -22.40
C GLY A 93 8.06 -39.37 -21.74
N ARG A 94 8.75 -38.50 -22.49
CA ARG A 94 9.29 -37.24 -21.97
C ARG A 94 8.39 -36.04 -22.27
N GLY A 95 8.49 -35.01 -21.43
CA GLY A 95 7.67 -33.81 -21.54
C GLY A 95 6.26 -33.96 -21.00
N GLY A 96 5.99 -35.05 -20.28
CA GLY A 96 4.63 -35.39 -19.85
C GLY A 96 4.16 -34.88 -18.49
N SER A 97 4.99 -34.11 -17.80
CA SER A 97 4.66 -33.71 -16.43
C SER A 97 5.15 -32.32 -16.02
N LEU A 98 4.55 -31.83 -14.94
CA LEU A 98 4.76 -30.45 -14.52
C LEU A 98 4.81 -30.41 -13.01
N ASP A 99 5.90 -29.86 -12.47
CA ASP A 99 6.01 -29.71 -11.01
C ASP A 99 5.14 -28.58 -10.51
N GLN A 100 4.72 -28.69 -9.25
CA GLN A 100 3.98 -27.64 -8.54
C GLN A 100 4.85 -26.39 -8.46
N ILE A 101 4.23 -25.22 -8.60
CA ILE A 101 5.01 -23.98 -8.72
C ILE A 101 4.91 -23.02 -7.52
N ASN A 102 4.15 -23.43 -6.50
CA ASN A 102 4.04 -22.73 -5.19
C ASN A 102 3.47 -21.32 -5.27
N VAL A 103 2.22 -21.26 -5.73
CA VAL A 103 1.47 -20.02 -5.82
C VAL A 103 1.01 -19.59 -4.44
N THR A 104 1.44 -18.39 -4.05
CA THR A 104 1.04 -17.82 -2.76
C THR A 104 0.01 -16.70 -2.94
N PHE A 105 -0.72 -16.41 -1.86
CA PHE A 105 -1.79 -15.44 -1.86
C PHE A 105 -1.62 -14.38 -0.79
N LEU A 106 -2.23 -13.24 -1.03
CA LEU A 106 -2.18 -12.13 -0.10
C LEU A 106 -3.44 -12.15 0.76
N ASP A 107 -3.25 -12.12 2.07
CA ASP A 107 -4.33 -11.92 3.00
C ASP A 107 -3.99 -10.75 3.93
N LEU A 108 -4.58 -9.60 3.62
CA LEU A 108 -4.34 -8.39 4.44
C LEU A 108 -5.40 -8.16 5.55
N GLU A 109 -6.14 -9.21 5.91
CA GLU A 109 -7.26 -9.12 6.86
C GLU A 109 -6.91 -8.36 8.16
N TYR A 110 -5.83 -8.78 8.82
CA TYR A 110 -5.40 -8.14 10.05
C TYR A 110 -5.07 -6.64 9.81
N GLU A 111 -4.40 -6.37 8.69
CA GLU A 111 -3.89 -5.03 8.40
C GLU A 111 -5.03 -4.06 8.07
N MET A 112 -5.98 -4.53 7.26
CA MET A 112 -7.15 -3.73 6.89
C MET A 112 -7.98 -3.35 8.10
N LYS A 113 -8.09 -4.31 9.02
CA LYS A 113 -8.83 -4.17 10.27
C LYS A 113 -8.18 -3.14 11.18
N LYS A 114 -6.86 -3.26 11.38
CA LYS A 114 -6.13 -2.29 12.21
C LYS A 114 -6.18 -0.89 11.62
N LEU A 115 -6.14 -0.82 10.28
CA LEU A 115 -6.12 0.45 9.57
C LEU A 115 -7.48 1.14 9.74
N GLU A 116 -8.57 0.40 9.52
CA GLU A 116 -9.91 0.91 9.82
C GLU A 116 -10.04 1.39 11.29
N GLU A 117 -9.47 0.61 12.21
CA GLU A 117 -9.50 0.93 13.64
C GLU A 117 -8.76 2.21 13.97
N ALA A 118 -7.56 2.40 13.40
CA ALA A 118 -6.81 3.63 13.67
C ALA A 118 -7.53 4.83 13.07
N ILE A 119 -8.12 4.65 11.89
CA ILE A 119 -8.88 5.71 11.22
C ILE A 119 -10.01 6.21 12.12
N LYS A 120 -10.78 5.27 12.68
CA LYS A 120 -11.87 5.54 13.60
C LYS A 120 -11.39 6.30 14.84
N LYS A 121 -10.33 5.82 15.47
CA LYS A 121 -9.82 6.47 16.67
C LYS A 121 -9.20 7.86 16.40
N LEU A 122 -8.61 8.01 15.20
CA LEU A 122 -8.11 9.31 14.74
C LEU A 122 -9.27 10.30 14.70
N GLU A 123 -10.39 9.85 14.15
CA GLU A 123 -11.57 10.69 14.01
C GLU A 123 -12.29 10.99 15.34
N GLU A 124 -11.85 10.34 16.41
CA GLU A 124 -12.34 10.62 17.76
C GLU A 124 -11.47 11.64 18.47
N SER A 125 -10.35 12.03 17.84
CA SER A 125 -9.41 13.03 18.39
C SER A 125 -9.77 14.50 18.14
N TYR A 126 -10.85 14.76 17.39
CA TYR A 126 -11.21 16.15 17.07
C TYR A 126 -11.36 17.01 18.32
N ILE A 127 -10.79 18.21 18.27
CA ILE A 127 -10.91 19.25 19.31
C ILE A 127 -12.32 19.83 19.23
N ASP A 128 -12.97 19.93 20.39
CA ASP A 128 -14.26 20.62 20.49
C ASP A 128 -14.01 22.12 20.59
N LEU A 129 -14.10 22.77 19.44
CA LEU A 129 -13.71 24.19 19.30
C LEU A 129 -14.71 25.12 19.95
N LYS A 130 -16.00 24.75 19.88
CA LYS A 130 -17.09 25.53 20.49
C LYS A 130 -16.91 25.64 22.01
N GLU A 131 -16.50 24.54 22.65
CA GLU A 131 -16.17 24.54 24.06
C GLU A 131 -14.99 25.47 24.34
N LEU A 132 -13.98 25.40 23.48
CA LEU A 132 -12.77 26.18 23.63
C LEU A 132 -12.99 27.69 23.42
N GLY A 133 -13.74 28.05 22.37
CA GLY A 133 -13.79 29.45 21.94
C GLY A 133 -15.16 30.09 21.96
N GLN B 5 -9.89 44.04 41.80
CA GLN B 5 -9.83 42.77 42.59
C GLN B 5 -10.87 41.76 42.09
N GLU B 6 -12.10 42.25 41.90
CA GLU B 6 -13.20 41.47 41.33
C GLU B 6 -12.87 41.06 39.89
N ASN B 7 -12.51 42.06 39.09
CA ASN B 7 -12.07 41.88 37.71
C ASN B 7 -10.87 40.93 37.57
N GLN B 8 -10.01 40.88 38.60
CA GLN B 8 -8.82 40.01 38.62
C GLN B 8 -9.17 38.53 38.79
N LYS B 9 -10.09 38.24 39.70
CA LYS B 9 -10.46 36.85 39.97
C LYS B 9 -11.24 36.21 38.83
N ILE B 10 -12.10 36.99 38.17
CA ILE B 10 -12.78 36.53 36.94
C ILE B 10 -11.76 36.24 35.82
N LEU B 11 -10.71 37.06 35.73
CA LEU B 11 -9.63 36.88 34.77
C LEU B 11 -8.80 35.62 35.04
N ALA B 12 -8.36 35.44 36.29
CA ALA B 12 -7.68 34.21 36.73
C ALA B 12 -8.53 32.97 36.48
N ALA B 13 -9.85 33.09 36.68
CA ALA B 13 -10.79 32.00 36.41
C ALA B 13 -10.86 31.67 34.91
N SER B 14 -10.90 32.70 34.06
CA SER B 14 -10.89 32.54 32.60
C SER B 14 -9.61 31.83 32.14
N PHE B 15 -8.47 32.28 32.67
CA PHE B 15 -7.19 31.70 32.34
C PHE B 15 -7.11 30.20 32.71
N ASN B 16 -7.57 29.85 33.90
CA ASN B 16 -7.56 28.45 34.35
C ASN B 16 -8.47 27.55 33.51
N LYS B 17 -9.66 28.06 33.19
CA LYS B 17 -10.62 27.40 32.31
C LYS B 17 -10.02 27.15 30.92
N ALA B 18 -9.43 28.20 30.34
CA ALA B 18 -8.77 28.12 29.04
C ALA B 18 -7.64 27.08 29.08
N MET B 19 -6.80 27.13 30.12
CA MET B 19 -5.72 26.15 30.23
C MET B 19 -6.21 24.70 30.28
N THR B 20 -7.30 24.47 31.02
CA THR B 20 -7.87 23.13 31.12
C THR B 20 -8.27 22.63 29.72
N ASN B 21 -8.98 23.48 28.99
CA ASN B 21 -9.43 23.16 27.64
C ASN B 21 -8.31 22.98 26.63
N ILE B 22 -7.27 23.84 26.73
CA ILE B 22 -6.06 23.75 25.89
C ILE B 22 -5.30 22.43 26.09
N VAL B 23 -5.07 22.04 27.35
CA VAL B 23 -4.45 20.75 27.69
C VAL B 23 -5.29 19.58 27.16
N ASP B 24 -6.60 19.67 27.32
CA ASP B 24 -7.51 18.64 26.75
C ASP B 24 -7.37 18.55 25.21
N ALA B 25 -7.34 19.70 24.55
CA ALA B 25 -7.21 19.74 23.11
C ALA B 25 -5.86 19.12 22.67
N PHE B 26 -4.78 19.43 23.40
CA PHE B 26 -3.48 18.85 23.08
C PHE B 26 -3.38 17.34 23.35
N THR B 27 -4.19 16.86 24.30
CA THR B 27 -4.34 15.43 24.57
C THR B 27 -4.94 14.75 23.32
N GLY B 28 -5.97 15.35 22.73
CA GLY B 28 -6.56 14.92 21.48
C GLY B 28 -5.52 14.89 20.36
N VAL B 29 -4.67 15.92 20.29
CA VAL B 29 -3.57 15.98 19.32
C VAL B 29 -2.62 14.77 19.47
N ASN B 30 -2.20 14.49 20.70
CA ASN B 30 -1.29 13.37 20.99
C ASN B 30 -1.92 12.04 20.58
N ASP B 31 -3.22 11.86 20.85
CA ASP B 31 -3.96 10.67 20.39
C ASP B 31 -3.94 10.58 18.88
N ALA B 32 -4.23 11.70 18.22
CA ALA B 32 -4.17 11.77 16.76
C ALA B 32 -2.79 11.37 16.21
N ILE B 33 -1.71 11.84 16.84
CA ILE B 33 -0.35 11.46 16.43
C ILE B 33 -0.16 9.95 16.58
N THR B 34 -0.56 9.43 17.73
CA THR B 34 -0.47 7.98 18.00
C THR B 34 -1.21 7.15 16.94
N GLN B 35 -2.44 7.55 16.62
CA GLN B 35 -3.28 6.78 15.69
C GLN B 35 -2.77 6.90 14.24
N THR B 36 -2.26 8.08 13.90
CA THR B 36 -1.64 8.29 12.59
C THR B 36 -0.44 7.39 12.44
N SER B 37 0.40 7.37 13.46
CA SER B 37 1.58 6.53 13.50
C SER B 37 1.18 5.05 13.39
N GLN B 38 0.26 4.60 14.24
CA GLN B 38 -0.28 3.22 14.13
C GLN B 38 -0.79 2.87 12.73
N ALA B 39 -1.56 3.77 12.15
CA ALA B 39 -2.07 3.57 10.77
C ALA B 39 -0.93 3.39 9.75
N LEU B 40 0.09 4.25 9.81
CA LEU B 40 1.24 4.19 8.89
C LEU B 40 2.07 2.92 9.05
N GLN B 41 2.30 2.50 10.30
CA GLN B 41 2.95 1.21 10.60
C GLN B 41 2.17 0.03 10.03
N THR B 42 0.84 0.10 10.10
CA THR B 42 -0.01 -0.98 9.55
C THR B 42 0.11 -0.97 8.02
N VAL B 43 0.10 0.22 7.43
CA VAL B 43 0.29 0.34 5.97
C VAL B 43 1.64 -0.27 5.61
N ALA B 44 2.68 0.02 6.41
CA ALA B 44 4.02 -0.50 6.15
C ALA B 44 4.00 -2.03 6.07
N THR B 45 3.37 -2.67 7.04
CA THR B 45 3.29 -4.13 7.05
C THR B 45 2.59 -4.65 5.79
N ALA B 46 1.51 -3.98 5.39
CA ALA B 46 0.74 -4.39 4.21
C ALA B 46 1.61 -4.33 2.94
N LEU B 47 2.41 -3.27 2.83
CA LEU B 47 3.34 -3.06 1.71
C LEU B 47 4.40 -4.17 1.64
N ASN B 48 4.93 -4.55 2.80
CA ASN B 48 5.88 -5.68 2.92
C ASN B 48 5.25 -7.00 2.46
N LYS B 49 4.02 -7.28 2.92
CA LYS B 49 3.33 -8.51 2.51
C LYS B 49 3.00 -8.52 1.01
N ILE B 50 2.56 -7.38 0.48
CA ILE B 50 2.32 -7.21 -0.97
C ILE B 50 3.60 -7.52 -1.76
N GLN B 51 4.71 -6.87 -1.40
CA GLN B 51 5.98 -7.20 -2.05
C GLN B 51 6.33 -8.71 -1.99
N ASP B 52 6.24 -9.33 -0.81
CA ASP B 52 6.50 -10.77 -0.71
C ASP B 52 5.63 -11.59 -1.71
N VAL B 53 4.36 -11.28 -1.81
CA VAL B 53 3.47 -12.12 -2.63
C VAL B 53 3.69 -11.84 -4.14
N VAL B 54 3.87 -10.57 -4.48
CA VAL B 54 4.18 -10.18 -5.86
C VAL B 54 5.49 -10.85 -6.32
N ASN B 55 6.54 -10.79 -5.48
CA ASN B 55 7.81 -11.45 -5.83
C ASN B 55 7.75 -12.99 -5.89
N GLN B 56 7.05 -13.60 -4.93
CA GLN B 56 6.72 -15.04 -5.00
C GLN B 56 6.03 -15.40 -6.33
N GLN B 57 5.06 -14.59 -6.75
CA GLN B 57 4.30 -14.88 -7.98
C GLN B 57 5.15 -14.70 -9.23
N GLY B 58 6.08 -13.74 -9.20
CA GLY B 58 7.07 -13.62 -10.26
C GLY B 58 8.02 -14.81 -10.32
N ASN B 59 8.46 -15.30 -9.16
CA ASN B 59 9.28 -16.54 -9.10
C ASN B 59 8.52 -17.76 -9.60
N SER B 60 7.26 -17.93 -9.17
CA SER B 60 6.42 -19.02 -9.67
C SER B 60 6.29 -18.97 -11.20
N LEU B 61 6.10 -17.76 -11.75
CA LEU B 61 5.96 -17.58 -13.18
C LEU B 61 7.22 -17.97 -13.95
N ASN B 62 8.39 -17.48 -13.50
CA ASN B 62 9.68 -17.85 -14.09
C ASN B 62 9.90 -19.37 -14.00
N HIS B 63 9.56 -19.94 -12.85
CA HIS B 63 9.72 -21.36 -12.65
C HIS B 63 8.81 -22.16 -13.59
N LEU B 64 7.57 -21.69 -13.77
CA LEU B 64 6.63 -22.31 -14.74
C LEU B 64 7.18 -22.29 -16.18
N THR B 65 7.63 -21.11 -16.63
CA THR B 65 8.04 -20.95 -18.02
C THR B 65 9.25 -21.83 -18.30
N SER B 66 10.16 -21.89 -17.33
CA SER B 66 11.35 -22.77 -17.38
C SER B 66 10.97 -24.24 -17.65
N GLN B 67 10.03 -24.77 -16.87
CA GLN B 67 9.53 -26.14 -17.09
C GLN B 67 8.83 -26.29 -18.45
N LEU B 68 8.06 -25.29 -18.83
CA LEU B 68 7.31 -25.28 -20.11
C LEU B 68 8.23 -25.39 -21.31
N ARG B 69 9.28 -24.57 -21.31
CA ARG B 69 10.31 -24.60 -22.33
C ARG B 69 10.95 -26.00 -22.51
N GLN B 70 11.25 -26.67 -21.40
CA GLN B 70 11.79 -28.03 -21.44
C GLN B 70 10.74 -29.03 -21.96
N ASN B 71 9.49 -28.89 -21.49
CA ASN B 71 8.42 -29.79 -21.95
C ASN B 71 8.17 -29.66 -23.45
N PHE B 72 8.09 -28.42 -23.95
CA PHE B 72 7.95 -28.19 -25.40
C PHE B 72 9.11 -28.71 -26.22
N GLN B 73 10.34 -28.56 -25.73
CA GLN B 73 11.50 -29.14 -26.41
C GLN B 73 11.41 -30.67 -26.50
N ALA B 74 11.06 -31.31 -25.39
CA ALA B 74 10.99 -32.78 -25.37
C ALA B 74 9.87 -33.29 -26.28
N ILE B 75 8.72 -32.60 -26.23
CA ILE B 75 7.57 -32.95 -27.07
C ILE B 75 7.89 -32.78 -28.56
N SER B 76 8.51 -31.65 -28.88
CA SER B 76 8.91 -31.34 -30.27
C SER B 76 9.92 -32.39 -30.75
N SER B 77 10.88 -32.77 -29.93
CA SER B 77 11.88 -33.78 -30.36
C SER B 77 11.18 -35.10 -30.68
N SER B 78 10.25 -35.52 -29.84
CA SER B 78 9.53 -36.80 -30.07
C SER B 78 8.74 -36.73 -31.36
N ILE B 79 8.06 -35.62 -31.58
CA ILE B 79 7.24 -35.45 -32.80
C ILE B 79 8.15 -35.48 -34.03
N GLN B 80 9.29 -34.81 -33.94
CA GLN B 80 10.23 -34.77 -35.09
C GLN B 80 10.72 -36.18 -35.36
N ALA B 81 11.05 -36.94 -34.32
CA ALA B 81 11.54 -38.31 -34.48
C ALA B 81 10.45 -39.15 -35.14
N ILE B 82 9.20 -38.98 -34.74
CA ILE B 82 8.12 -39.75 -35.41
C ILE B 82 8.02 -39.34 -36.89
N TYR B 83 8.10 -38.06 -37.20
CA TYR B 83 7.99 -37.61 -38.62
C TYR B 83 9.13 -38.19 -39.45
N ASP B 84 10.36 -38.17 -38.93
CA ASP B 84 11.53 -38.77 -39.58
C ASP B 84 11.33 -40.26 -39.91
N ARG B 85 10.72 -40.99 -39.01
CA ARG B 85 10.41 -42.40 -39.21
C ARG B 85 9.30 -42.66 -40.25
N LEU B 86 8.40 -41.69 -40.41
CA LEU B 86 7.27 -41.84 -41.32
C LEU B 86 7.56 -41.44 -42.78
N ASP B 87 8.72 -40.81 -43.03
CA ASP B 87 9.11 -40.32 -44.36
C ASP B 87 8.04 -39.39 -44.99
N THR B 88 7.99 -38.17 -44.46
CA THR B 88 6.96 -37.17 -44.77
C THR B 88 7.61 -35.80 -45.00
N ILE B 89 7.00 -35.03 -45.90
CA ILE B 89 7.41 -33.66 -46.20
C ILE B 89 6.81 -32.66 -45.21
N GLN B 90 5.79 -33.12 -44.46
CA GLN B 90 5.11 -32.27 -43.49
C GLN B 90 6.02 -31.95 -42.33
N SER B 91 5.86 -30.74 -41.78
CA SER B 91 6.73 -30.26 -40.74
C SER B 91 6.38 -30.88 -39.39
N GLY B 92 7.38 -31.51 -38.77
CA GLY B 92 7.27 -32.05 -37.43
C GLY B 92 7.89 -31.18 -36.35
N GLY B 93 8.37 -29.99 -36.72
CA GLY B 93 9.14 -29.14 -35.80
C GLY B 93 8.47 -27.90 -35.22
N ARG B 94 7.13 -27.83 -35.27
CA ARG B 94 6.38 -26.65 -34.81
C ARG B 94 5.81 -26.85 -33.40
N GLY B 95 5.64 -25.75 -32.66
CA GLY B 95 5.15 -25.77 -31.29
C GLY B 95 6.21 -26.12 -30.26
N GLY B 96 7.48 -25.99 -30.64
CA GLY B 96 8.59 -26.43 -29.80
C GLY B 96 9.30 -25.40 -28.94
N SER B 97 8.88 -24.13 -29.05
CA SER B 97 9.57 -23.04 -28.34
C SER B 97 8.68 -22.05 -27.61
N LEU B 98 9.27 -21.37 -26.64
CA LEU B 98 8.65 -20.26 -25.91
C LEU B 98 9.59 -19.08 -25.88
N ASP B 99 9.07 -17.94 -26.33
CA ASP B 99 9.74 -16.65 -26.23
C ASP B 99 9.83 -16.20 -24.77
N GLN B 100 10.86 -15.40 -24.47
CA GLN B 100 11.11 -14.81 -23.16
C GLN B 100 9.91 -14.03 -22.66
N ILE B 101 9.58 -14.24 -21.39
CA ILE B 101 8.36 -13.72 -20.79
C ILE B 101 8.49 -12.33 -20.13
N ASN B 102 9.68 -12.02 -19.60
CA ASN B 102 10.00 -10.69 -19.01
C ASN B 102 9.29 -10.41 -17.69
N VAL B 103 9.56 -11.24 -16.71
CA VAL B 103 9.01 -11.10 -15.37
C VAL B 103 9.83 -10.08 -14.60
N THR B 104 9.17 -9.07 -14.03
CA THR B 104 9.83 -8.06 -13.19
C THR B 104 9.44 -8.21 -11.72
N PHE B 105 10.27 -7.63 -10.87
CA PHE B 105 10.11 -7.77 -9.42
C PHE B 105 9.96 -6.43 -8.73
N LEU B 106 9.43 -6.48 -7.53
CA LEU B 106 9.20 -5.30 -6.72
C LEU B 106 10.27 -5.14 -5.66
N ASP B 107 10.82 -3.94 -5.57
CA ASP B 107 11.78 -3.60 -4.53
C ASP B 107 11.44 -2.23 -3.88
N LEU B 108 10.80 -2.28 -2.70
CA LEU B 108 10.34 -1.07 -1.96
C LEU B 108 11.29 -0.58 -0.87
N GLU B 109 12.53 -1.09 -0.86
CA GLU B 109 13.49 -0.84 0.23
C GLU B 109 13.63 0.66 0.52
N TYR B 110 13.80 1.46 -0.53
CA TYR B 110 13.97 2.92 -0.39
C TYR B 110 12.73 3.57 0.24
N GLU B 111 11.55 3.20 -0.26
CA GLU B 111 10.28 3.66 0.26
C GLU B 111 10.07 3.26 1.71
N MET B 112 10.38 2.00 2.04
CA MET B 112 10.25 1.49 3.43
C MET B 112 11.13 2.27 4.40
N LYS B 113 12.38 2.54 3.99
CA LYS B 113 13.33 3.40 4.75
C LYS B 113 12.77 4.81 5.00
N LYS B 114 12.26 5.47 3.94
CA LYS B 114 11.71 6.84 4.08
C LYS B 114 10.46 6.84 4.97
N LEU B 115 9.61 5.83 4.82
CA LEU B 115 8.40 5.74 5.62
C LEU B 115 8.74 5.60 7.10
N GLU B 116 9.71 4.74 7.41
CA GLU B 116 10.16 4.55 8.79
C GLU B 116 10.71 5.84 9.40
N GLU B 117 11.55 6.53 8.64
CA GLU B 117 12.09 7.84 9.04
C GLU B 117 10.96 8.84 9.32
N ALA B 118 9.93 8.88 8.48
CA ALA B 118 8.83 9.80 8.69
C ALA B 118 8.01 9.41 9.92
N ILE B 119 7.79 8.11 10.13
CA ILE B 119 7.08 7.65 11.34
C ILE B 119 7.83 8.01 12.64
N LYS B 120 9.13 7.77 12.66
CA LYS B 120 9.94 8.15 13.82
C LYS B 120 9.93 9.64 14.13
N LYS B 121 9.98 10.48 13.09
CA LYS B 121 9.96 11.94 13.30
C LYS B 121 8.57 12.42 13.74
N LEU B 122 7.52 11.76 13.24
CA LEU B 122 6.14 12.00 13.70
C LEU B 122 6.02 11.79 15.22
N GLU B 123 6.60 10.67 15.68
CA GLU B 123 6.58 10.31 17.10
C GLU B 123 7.50 11.17 17.98
N GLU B 124 8.39 11.97 17.39
CA GLU B 124 9.12 13.01 18.14
C GLU B 124 8.26 14.25 18.46
N SER B 125 7.06 14.33 17.87
CA SER B 125 6.24 15.57 17.90
C SER B 125 5.20 15.63 19.01
N TYR B 126 5.18 14.63 19.89
CA TYR B 126 4.22 14.64 21.01
C TYR B 126 4.36 15.89 21.87
N ILE B 127 3.24 16.39 22.34
CA ILE B 127 3.22 17.55 23.24
C ILE B 127 3.49 17.04 24.63
N ASP B 128 4.42 17.70 25.32
CA ASP B 128 4.66 17.49 26.74
C ASP B 128 3.51 18.10 27.56
N LEU B 129 2.52 17.28 27.89
CA LEU B 129 1.32 17.73 28.63
C LEU B 129 1.60 18.24 30.04
N LYS B 130 2.56 17.62 30.72
CA LYS B 130 2.95 18.01 32.08
C LYS B 130 3.60 19.39 32.12
N GLU B 131 4.52 19.64 31.18
CA GLU B 131 5.14 20.95 30.98
C GLU B 131 4.07 22.02 30.77
N LEU B 132 3.05 21.67 30.00
CA LEU B 132 2.01 22.59 29.56
C LEU B 132 1.01 22.94 30.67
N GLY B 133 0.48 21.92 31.35
CA GLY B 133 -0.50 22.12 32.42
C GLY B 133 0.11 22.10 33.80
N VAL C 3 -0.21 43.32 47.48
CA VAL C 3 -1.28 42.28 47.51
C VAL C 3 -1.88 42.13 46.11
N LEU C 4 -2.47 43.20 45.60
CA LEU C 4 -3.18 43.20 44.32
C LEU C 4 -2.21 43.20 43.13
N GLN C 5 -1.21 44.08 43.18
CA GLN C 5 -0.15 44.11 42.16
C GLN C 5 0.65 42.80 42.09
N GLU C 6 0.98 42.25 43.26
CA GLU C 6 1.65 40.95 43.39
C GLU C 6 0.91 39.82 42.64
N ASN C 7 -0.41 39.75 42.83
CA ASN C 7 -1.27 38.79 42.11
C ASN C 7 -1.31 39.03 40.60
N GLN C 8 -1.29 40.30 40.20
CA GLN C 8 -1.31 40.69 38.78
C GLN C 8 -0.02 40.29 38.04
N LYS C 9 1.13 40.38 38.74
CA LYS C 9 2.42 39.97 38.18
C LYS C 9 2.45 38.47 37.95
N ILE C 10 1.90 37.71 38.90
CA ILE C 10 1.78 36.25 38.83
C ILE C 10 0.89 35.86 37.65
N LEU C 11 -0.18 36.62 37.44
CA LEU C 11 -1.07 36.38 36.31
C LEU C 11 -0.42 36.62 34.95
N ALA C 12 0.30 37.74 34.83
CA ALA C 12 1.08 38.06 33.62
C ALA C 12 2.15 36.98 33.33
N ALA C 13 2.82 36.52 34.40
CA ALA C 13 3.85 35.47 34.32
C ALA C 13 3.26 34.13 33.88
N SER C 14 2.15 33.73 34.48
CA SER C 14 1.39 32.53 34.07
C SER C 14 1.02 32.57 32.58
N PHE C 15 0.52 33.71 32.11
CA PHE C 15 0.11 33.86 30.72
C PHE C 15 1.29 33.70 29.75
N ASN C 16 2.42 34.37 30.05
CA ASN C 16 3.61 34.31 29.18
C ASN C 16 4.22 32.92 29.12
N LYS C 17 4.31 32.27 30.27
CA LYS C 17 4.80 30.91 30.36
C LYS C 17 3.91 29.94 29.57
N ALA C 18 2.59 30.09 29.70
CA ALA C 18 1.64 29.28 28.97
C ALA C 18 1.78 29.54 27.46
N MET C 19 1.85 30.81 27.06
CA MET C 19 2.05 31.16 25.64
C MET C 19 3.31 30.53 25.04
N THR C 20 4.41 30.58 25.81
CA THR C 20 5.66 29.96 25.39
C THR C 20 5.45 28.47 25.13
N ASN C 21 4.82 27.81 26.09
CA ASN C 21 4.56 26.37 25.98
C ASN C 21 3.60 26.06 24.82
N ILE C 22 2.64 26.95 24.57
CA ILE C 22 1.61 26.73 23.53
C ILE C 22 2.21 26.85 22.15
N VAL C 23 3.07 27.85 21.94
CA VAL C 23 3.77 27.98 20.66
C VAL C 23 4.71 26.80 20.40
N ASP C 24 5.42 26.33 21.42
CA ASP C 24 6.24 25.12 21.30
C ASP C 24 5.41 23.89 20.90
N ALA C 25 4.26 23.72 21.55
CA ALA C 25 3.35 22.61 21.24
C ALA C 25 2.84 22.67 19.80
N PHE C 26 2.39 23.83 19.32
CA PHE C 26 1.97 23.98 17.93
C PHE C 26 3.10 23.83 16.90
N THR C 27 4.34 24.11 17.32
CA THR C 27 5.53 23.84 16.50
C THR C 27 5.66 22.33 16.25
N GLY C 28 5.52 21.54 17.31
CA GLY C 28 5.40 20.08 17.22
C GLY C 28 4.30 19.66 16.27
N VAL C 29 3.15 20.33 16.34
CA VAL C 29 1.97 19.99 15.51
C VAL C 29 2.31 20.15 14.03
N ASN C 30 2.94 21.28 13.71
CA ASN C 30 3.46 21.55 12.37
C ASN C 30 4.42 20.48 11.89
N ASP C 31 5.36 20.05 12.74
CA ASP C 31 6.27 18.95 12.35
C ASP C 31 5.50 17.64 12.08
N ALA C 32 4.54 17.33 12.95
CA ALA C 32 3.64 16.18 12.72
C ALA C 32 2.92 16.22 11.35
N ILE C 33 2.41 17.40 10.97
CA ILE C 33 1.76 17.62 9.67
C ILE C 33 2.75 17.34 8.53
N THR C 34 3.94 17.94 8.61
CA THR C 34 5.03 17.71 7.65
C THR C 34 5.34 16.21 7.48
N GLN C 35 5.54 15.50 8.59
CA GLN C 35 5.94 14.10 8.55
C GLN C 35 4.82 13.19 8.06
N THR C 36 3.57 13.51 8.41
CA THR C 36 2.41 12.75 7.94
C THR C 36 2.33 12.91 6.43
N SER C 37 2.44 14.15 5.95
CA SER C 37 2.51 14.41 4.51
C SER C 37 3.62 13.59 3.82
N GLN C 38 4.84 13.61 4.38
CA GLN C 38 5.96 12.84 3.82
C GLN C 38 5.66 11.35 3.76
N ALA C 39 5.15 10.82 4.86
CA ALA C 39 4.79 9.40 4.95
C ALA C 39 3.81 9.02 3.84
N LEU C 40 2.79 9.85 3.65
CA LEU C 40 1.73 9.57 2.63
C LEU C 40 2.26 9.66 1.21
N GLN C 41 3.17 10.61 0.94
CA GLN C 41 3.83 10.72 -0.37
C GLN C 41 4.70 9.48 -0.67
N THR C 42 5.35 8.97 0.37
CA THR C 42 6.13 7.75 0.27
C THR C 42 5.22 6.54 0.00
N VAL C 43 4.11 6.42 0.75
CA VAL C 43 3.13 5.35 0.47
C VAL C 43 2.67 5.45 -1.00
N ALA C 44 2.36 6.68 -1.46
CA ALA C 44 1.93 6.91 -2.83
C ALA C 44 2.91 6.32 -3.86
N THR C 45 4.19 6.64 -3.71
CA THR C 45 5.22 6.11 -4.58
C THR C 45 5.23 4.58 -4.59
N ALA C 46 5.17 3.99 -3.39
CA ALA C 46 5.04 2.54 -3.23
C ALA C 46 3.87 1.93 -4.00
N LEU C 47 2.71 2.57 -3.89
CA LEU C 47 1.50 2.10 -4.58
C LEU C 47 1.65 2.17 -6.11
N ASN C 48 2.35 3.20 -6.60
CA ASN C 48 2.63 3.35 -8.03
C ASN C 48 3.56 2.22 -8.49
N LYS C 49 4.59 1.93 -7.70
CA LYS C 49 5.52 0.84 -8.03
C LYS C 49 4.81 -0.52 -8.00
N ILE C 50 3.90 -0.71 -7.05
CA ILE C 50 3.13 -1.96 -6.96
C ILE C 50 2.30 -2.15 -8.22
N GLN C 51 1.54 -1.11 -8.59
CA GLN C 51 0.78 -1.14 -9.83
C GLN C 51 1.60 -1.49 -11.08
N ASP C 52 2.72 -0.80 -11.27
CA ASP C 52 3.69 -1.14 -12.31
C ASP C 52 4.04 -2.63 -12.38
N VAL C 53 4.45 -3.21 -11.24
CA VAL C 53 4.97 -4.58 -11.26
C VAL C 53 3.78 -5.55 -11.44
N VAL C 54 2.67 -5.26 -10.77
CA VAL C 54 1.46 -6.10 -10.93
C VAL C 54 0.95 -6.16 -12.37
N ASN C 55 0.82 -4.99 -13.02
CA ASN C 55 0.39 -4.92 -14.42
C ASN C 55 1.38 -5.56 -15.40
N GLN C 56 2.67 -5.36 -15.18
CA GLN C 56 3.68 -6.09 -15.96
C GLN C 56 3.53 -7.61 -15.84
N GLN C 57 3.31 -8.11 -14.63
CA GLN C 57 3.19 -9.56 -14.42
C GLN C 57 1.92 -10.11 -15.09
N GLY C 58 0.86 -9.30 -15.07
CA GLY C 58 -0.39 -9.60 -15.80
C GLY C 58 -0.18 -9.69 -17.31
N ASN C 59 0.58 -8.74 -17.87
CA ASN C 59 0.97 -8.76 -19.30
C ASN C 59 1.79 -9.99 -19.67
N SER C 60 2.84 -10.27 -18.90
CA SER C 60 3.64 -11.49 -19.04
C SER C 60 2.77 -12.76 -19.07
N LEU C 61 1.85 -12.85 -18.11
CA LEU C 61 0.91 -13.98 -18.07
C LEU C 61 0.05 -14.11 -19.34
N ASN C 62 -0.45 -12.99 -19.85
CA ASN C 62 -1.20 -12.95 -21.14
C ASN C 62 -0.37 -13.37 -22.34
N HIS C 63 0.83 -12.80 -22.45
CA HIS C 63 1.78 -13.14 -23.51
C HIS C 63 2.12 -14.63 -23.50
N LEU C 64 2.32 -15.18 -22.29
CA LEU C 64 2.56 -16.61 -22.12
C LEU C 64 1.39 -17.44 -22.62
N THR C 65 0.20 -17.08 -22.17
CA THR C 65 -1.02 -17.84 -22.49
C THR C 65 -1.24 -17.88 -24.01
N SER C 66 -0.97 -16.75 -24.66
CA SER C 66 -1.11 -16.60 -26.11
C SER C 66 -0.19 -17.56 -26.87
N GLN C 67 1.09 -17.57 -26.52
CA GLN C 67 2.06 -18.52 -27.06
C GLN C 67 1.66 -19.97 -26.79
N LEU C 68 1.14 -20.25 -25.60
CA LEU C 68 0.78 -21.62 -25.22
C LEU C 68 -0.33 -22.19 -26.13
N ARG C 69 -1.37 -21.40 -26.37
CA ARG C 69 -2.49 -21.80 -27.25
C ARG C 69 -2.02 -22.16 -28.65
N GLN C 70 -1.07 -21.39 -29.16
CA GLN C 70 -0.44 -21.67 -30.45
C GLN C 70 0.39 -22.95 -30.47
N ASN C 71 1.21 -23.16 -29.44
CA ASN C 71 2.02 -24.38 -29.30
C ASN C 71 1.08 -25.61 -29.25
N PHE C 72 0.05 -25.55 -28.41
CA PHE C 72 -0.91 -26.66 -28.34
C PHE C 72 -1.65 -26.94 -29.65
N GLN C 73 -2.02 -25.89 -30.40
CA GLN C 73 -2.66 -26.06 -31.70
C GLN C 73 -1.73 -26.78 -32.70
N ALA C 74 -0.50 -26.30 -32.78
CA ALA C 74 0.54 -26.91 -33.61
C ALA C 74 0.79 -28.39 -33.22
N ILE C 75 0.89 -28.66 -31.92
CA ILE C 75 1.15 -30.02 -31.43
C ILE C 75 -0.05 -30.93 -31.77
N SER C 76 -1.25 -30.44 -31.49
CA SER C 76 -2.50 -31.15 -31.82
C SER C 76 -2.59 -31.50 -33.32
N SER C 77 -2.24 -30.54 -34.19
CA SER C 77 -2.19 -30.78 -35.64
C SER C 77 -1.19 -31.88 -35.99
N SER C 78 0.03 -31.80 -35.45
CA SER C 78 1.06 -32.81 -35.69
C SER C 78 0.62 -34.22 -35.28
N ILE C 79 0.04 -34.35 -34.10
CA ILE C 79 -0.44 -35.64 -33.61
C ILE C 79 -1.56 -36.19 -34.54
N GLN C 80 -2.53 -35.34 -34.89
CA GLN C 80 -3.64 -35.73 -35.78
C GLN C 80 -3.12 -36.26 -37.12
N ALA C 81 -2.15 -35.55 -37.69
CA ALA C 81 -1.51 -35.98 -38.92
C ALA C 81 -0.82 -37.35 -38.79
N ILE C 82 -0.21 -37.61 -37.63
CA ILE C 82 0.42 -38.93 -37.36
C ILE C 82 -0.67 -40.00 -37.31
N TYR C 83 -1.74 -39.72 -36.59
CA TYR C 83 -2.89 -40.62 -36.46
C TYR C 83 -3.52 -40.96 -37.83
N ASP C 84 -3.63 -39.96 -38.71
CA ASP C 84 -4.11 -40.15 -40.09
C ASP C 84 -3.23 -41.10 -40.88
N ARG C 85 -1.91 -40.93 -40.74
CA ARG C 85 -0.91 -41.83 -41.32
C ARG C 85 -0.94 -43.27 -40.78
N LEU C 86 -1.42 -43.45 -39.54
CA LEU C 86 -1.49 -44.77 -38.92
C LEU C 86 -2.94 -45.24 -38.66
N ASP C 99 -8.55 -23.18 -21.83
CA ASP C 99 -9.63 -22.27 -21.36
C ASP C 99 -9.13 -20.85 -21.25
N GLN C 100 -10.05 -19.90 -21.44
CA GLN C 100 -9.72 -18.48 -21.32
C GLN C 100 -9.22 -18.13 -19.92
N ILE C 101 -8.09 -17.42 -19.90
CA ILE C 101 -7.45 -17.00 -18.67
C ILE C 101 -7.73 -15.51 -18.56
N ASN C 102 -8.42 -15.14 -17.47
CA ASN C 102 -8.87 -13.78 -17.30
C ASN C 102 -7.88 -13.02 -16.44
N VAL C 103 -7.01 -12.26 -17.10
CA VAL C 103 -6.02 -11.47 -16.40
C VAL C 103 -6.65 -10.11 -16.16
N THR C 104 -6.74 -9.73 -14.89
CA THR C 104 -7.22 -8.41 -14.52
C THR C 104 -6.02 -7.46 -14.24
N PHE C 105 -6.26 -6.17 -14.41
CA PHE C 105 -5.23 -5.15 -14.32
C PHE C 105 -5.60 -4.07 -13.30
N LEU C 106 -4.58 -3.58 -12.58
CA LEU C 106 -4.77 -2.66 -11.48
C LEU C 106 -4.74 -1.23 -11.98
N ASP C 107 -5.78 -0.48 -11.64
CA ASP C 107 -5.85 0.93 -11.98
C ASP C 107 -6.15 1.75 -10.73
N LEU C 108 -5.11 2.38 -10.18
CA LEU C 108 -5.24 3.19 -8.96
C LEU C 108 -5.43 4.70 -9.22
N GLU C 109 -5.70 5.08 -10.47
CA GLU C 109 -5.73 6.49 -10.86
C GLU C 109 -6.65 7.35 -9.99
N TYR C 110 -7.89 6.87 -9.74
CA TYR C 110 -8.80 7.59 -8.87
C TYR C 110 -8.23 7.72 -7.42
N GLU C 111 -7.71 6.62 -6.87
CA GLU C 111 -7.11 6.63 -5.52
C GLU C 111 -5.91 7.61 -5.42
N MET C 112 -5.04 7.60 -6.43
CA MET C 112 -3.88 8.48 -6.46
C MET C 112 -4.29 9.96 -6.50
N LYS C 113 -5.35 10.26 -7.24
CA LYS C 113 -5.92 11.61 -7.34
C LYS C 113 -6.49 12.10 -6.01
N LYS C 114 -7.37 11.29 -5.38
CA LYS C 114 -7.87 11.59 -4.02
C LYS C 114 -6.75 11.69 -2.98
N LEU C 115 -5.74 10.83 -3.06
CA LEU C 115 -4.64 10.85 -2.08
C LEU C 115 -3.87 12.16 -2.23
N GLU C 116 -3.59 12.55 -3.47
CA GLU C 116 -2.93 13.83 -3.73
C GLU C 116 -3.73 15.02 -3.20
N GLU C 117 -5.07 14.97 -3.36
CA GLU C 117 -5.95 16.03 -2.86
C GLU C 117 -5.89 16.16 -1.34
N ALA C 118 -5.96 15.03 -0.63
CA ALA C 118 -5.82 15.00 0.83
C ALA C 118 -4.47 15.54 1.29
N ILE C 119 -3.39 15.16 0.61
CA ILE C 119 -2.04 15.63 0.97
C ILE C 119 -1.94 17.16 0.84
N LYS C 120 -2.41 17.70 -0.29
CA LYS C 120 -2.38 19.15 -0.55
C LYS C 120 -3.16 19.91 0.53
N LYS C 121 -4.36 19.41 0.86
CA LYS C 121 -5.21 20.07 1.85
C LYS C 121 -4.67 19.94 3.28
N LEU C 122 -4.10 18.78 3.60
CA LEU C 122 -3.35 18.62 4.85
C LEU C 122 -2.25 19.70 4.98
N GLU C 123 -1.52 19.95 3.89
CA GLU C 123 -0.45 20.98 3.89
C GLU C 123 -1.00 22.43 3.94
N GLU C 124 -2.32 22.59 3.82
CA GLU C 124 -2.98 23.88 3.99
C GLU C 124 -3.38 24.16 5.46
N SER C 125 -3.03 23.23 6.36
CA SER C 125 -3.46 23.26 7.77
C SER C 125 -2.38 23.68 8.74
N TYR C 126 -1.19 24.02 8.21
CA TYR C 126 -0.11 24.53 9.08
C TYR C 126 -0.56 25.69 9.94
N ILE C 127 -0.16 25.65 11.21
CA ILE C 127 -0.38 26.72 12.16
C ILE C 127 0.61 27.85 11.86
N ASP C 128 0.09 29.08 11.77
CA ASP C 128 0.88 30.30 11.61
C ASP C 128 1.45 30.69 12.97
N LEU C 129 2.64 30.18 13.24
CA LEU C 129 3.34 30.39 14.49
C LEU C 129 3.64 31.85 14.81
N LYS C 130 3.87 32.64 13.76
CA LYS C 130 4.18 34.07 13.92
C LYS C 130 2.96 34.84 14.43
N GLU C 131 1.79 34.54 13.86
CA GLU C 131 0.52 35.13 14.29
C GLU C 131 0.23 34.77 15.75
N LEU C 132 0.44 33.49 16.09
CA LEU C 132 0.27 32.97 17.44
C LEU C 132 1.28 33.53 18.44
N GLY C 133 2.55 33.56 18.04
CA GLY C 133 3.64 34.03 18.90
C GLY C 133 3.71 35.53 19.03
#